data_6P0G
#
_entry.id   6P0G
#
_cell.length_a   41.166
_cell.length_b   57.304
_cell.length_c   107.507
_cell.angle_alpha   90.00
_cell.angle_beta   90.00
_cell.angle_gamma   90.00
#
_symmetry.space_group_name_H-M   'P 21 21 21'
#
loop_
_entity.id
_entity.type
_entity.pdbx_description
1 polymer 'GTPase subunit of restriction endonuclease'
2 polymer "DNA (5'-D(P*TP*AP*CP*CP*GP*G)-3')"
3 polymer "DNA (5'-D(P*AP*CP*CP*GP*GP*T)-3')"
4 water water
#
loop_
_entity_poly.entity_id
_entity_poly.type
_entity_poly.pdbx_seq_one_letter_code
_entity_poly.pdbx_strand_id
1 'polypeptide(L)'
;(MSE)ENQLFIIGIGTGTDEYENFEETILKGVKRNELEGQIGPDILDNCCSDVCYFWGRSKETIYEKKIDKGD(MSE)VL
FYVGKRISRNKVDLNQETAVYLGIICETVEISENDVSFLNDFWRKGENFRFL(MSE)FFKKKPEKLHHSINEINSKLGYN
PDYFPIAGYVKPER(MSE)SGVYDILKNILKKRGILKESDS
;
A
2 'polydeoxyribonucleotide' (DT)(DA)(DC)(DC)(DG)(DG) B
3 'polydeoxyribonucleotide' (DA)(DC)(DC)(DG)(DG)(DT) C
#
# COMPACT_ATOMS: atom_id res chain seq x y z
N ASN A 3 12.56 -8.73 -4.21
CA ASN A 3 12.80 -8.27 -2.85
C ASN A 3 12.99 -6.75 -2.80
N GLN A 4 12.07 -6.03 -3.43
CA GLN A 4 12.12 -4.58 -3.47
C GLN A 4 11.30 -3.95 -2.32
N LEU A 5 11.51 -2.65 -2.07
CA LEU A 5 10.75 -1.90 -1.06
C LEU A 5 10.21 -0.60 -1.63
N PHE A 6 8.91 -0.39 -1.47
CA PHE A 6 8.25 0.84 -1.89
C PHE A 6 7.61 1.59 -0.73
N ILE A 7 7.39 2.91 -0.91
CA ILE A 7 6.62 3.69 0.05
C ILE A 7 5.43 4.35 -0.64
N ILE A 8 4.25 4.29 -0.02
CA ILE A 8 3.08 4.97 -0.58
C ILE A 8 2.49 5.89 0.49
N GLY A 9 2.48 7.19 0.18
CA GLY A 9 1.98 8.17 1.12
C GLY A 9 0.48 8.36 1.03
N ILE A 10 -0.19 8.17 2.16
CA ILE A 10 -1.63 8.31 2.23
C ILE A 10 -1.93 9.54 3.10
N GLY A 11 -2.35 10.64 2.47
CA GLY A 11 -2.61 11.84 3.23
C GLY A 11 -3.94 11.75 3.93
N THR A 12 -3.98 12.16 5.19
CA THR A 12 -5.23 12.03 5.92
C THR A 12 -6.22 13.07 5.41
N GLY A 13 -7.50 12.78 5.58
CA GLY A 13 -8.55 13.66 5.12
C GLY A 13 -8.73 13.77 3.62
N THR A 14 -8.23 12.78 2.87
CA THR A 14 -8.38 12.76 1.41
C THR A 14 -8.94 11.43 0.90
N ASP A 15 -9.49 11.46 -0.30
CA ASP A 15 -10.06 10.27 -0.93
C ASP A 15 -9.12 9.08 -1.02
N GLU A 16 -7.81 9.31 -1.11
CA GLU A 16 -6.90 8.18 -1.02
C GLU A 16 -7.00 7.57 0.38
N TYR A 17 -7.11 8.39 1.42
CA TYR A 17 -7.28 7.80 2.74
C TYR A 17 -8.58 7.01 2.84
N GLU A 18 -9.66 7.56 2.28
CA GLU A 18 -10.93 6.83 2.27
C GLU A 18 -10.79 5.46 1.61
N ASN A 19 -10.11 5.41 0.48
CA ASN A 19 -9.94 4.17 -0.24
C ASN A 19 -9.03 3.22 0.55
N PHE A 20 -8.05 3.81 1.25
CA PHE A 20 -7.14 3.05 2.09
C PHE A 20 -7.89 2.42 3.26
N GLU A 21 -8.84 3.16 3.84
CA GLU A 21 -9.73 2.59 4.83
C GLU A 21 -10.45 1.36 4.30
N GLU A 22 -11.13 1.51 3.16
CA GLU A 22 -11.99 0.44 2.66
C GLU A 22 -11.24 -0.84 2.35
N THR A 23 -10.10 -0.75 1.67
CA THR A 23 -9.49 -1.99 1.15
C THR A 23 -8.23 -2.52 1.82
N ILE A 24 -7.57 -1.70 2.64
CA ILE A 24 -6.36 -2.09 3.36
C ILE A 24 -6.64 -2.23 4.86
N LEU A 25 -7.39 -1.29 5.41
CA LEU A 25 -7.75 -1.33 6.82
C LEU A 25 -8.96 -2.24 7.02
N LYS A 26 -10.07 -1.93 6.35
CA LYS A 26 -11.27 -2.75 6.49
C LYS A 26 -11.17 -4.02 5.63
N GLY A 27 -10.94 -3.87 4.33
CA GLY A 27 -10.84 -5.03 3.48
C GLY A 27 -12.18 -5.37 2.83
N VAL A 28 -12.11 -6.21 1.81
CA VAL A 28 -13.26 -6.51 0.98
C VAL A 28 -13.53 -8.01 1.00
N LYS A 29 -14.75 -8.39 1.38
CA LYS A 29 -15.17 -9.79 1.34
C LYS A 29 -14.94 -10.33 -0.05
N ARG A 30 -14.48 -11.58 -0.16
CA ARG A 30 -14.05 -12.12 -1.45
C ARG A 30 -15.22 -12.44 -2.38
N ASN A 31 -16.43 -12.49 -1.86
CA ASN A 31 -17.59 -12.70 -2.72
C ASN A 31 -17.89 -11.48 -3.59
N GLU A 32 -17.56 -10.29 -3.08
CA GLU A 32 -17.79 -9.08 -3.82
C GLU A 32 -16.69 -8.87 -4.85
N LEU A 33 -15.77 -9.82 -4.95
CA LEU A 33 -14.72 -9.76 -5.97
C LEU A 33 -14.81 -10.92 -6.94
N GLU A 34 -15.56 -11.96 -6.60
CA GLU A 34 -15.69 -13.11 -7.48
C GLU A 34 -16.16 -12.65 -8.84
N GLY A 35 -15.55 -13.21 -9.88
CA GLY A 35 -15.86 -12.81 -11.23
C GLY A 35 -15.37 -11.43 -11.60
N GLN A 36 -14.44 -10.88 -10.82
CA GLN A 36 -13.73 -9.68 -11.24
C GLN A 36 -12.23 -9.94 -11.08
N ILE A 37 -11.88 -10.72 -10.06
CA ILE A 37 -10.51 -11.13 -9.80
C ILE A 37 -10.46 -12.65 -9.87
N GLY A 38 -9.40 -13.20 -10.47
CA GLY A 38 -9.26 -14.65 -10.63
C GLY A 38 -9.43 -15.46 -9.35
N PRO A 39 -10.07 -16.65 -9.46
CA PRO A 39 -10.35 -17.52 -8.32
C PRO A 39 -9.06 -17.95 -7.65
N ASP A 40 -7.99 -17.99 -8.43
CA ASP A 40 -6.68 -18.38 -7.95
C ASP A 40 -6.04 -17.26 -7.11
N ILE A 41 -6.15 -16.01 -7.56
CA ILE A 41 -5.69 -14.91 -6.73
C ILE A 41 -6.46 -14.93 -5.41
N LEU A 42 -7.79 -15.09 -5.50
CA LEU A 42 -8.65 -15.12 -4.32
C LEU A 42 -8.30 -16.22 -3.33
N ASP A 43 -8.01 -17.42 -3.84
CA ASP A 43 -7.67 -18.55 -3.00
C ASP A 43 -6.34 -18.32 -2.26
N ASN A 44 -5.34 -17.80 -2.98
CA ASN A 44 -3.97 -17.77 -2.47
C ASN A 44 -3.56 -16.50 -1.75
N CYS A 45 -4.37 -15.45 -1.85
CA CYS A 45 -3.96 -14.13 -1.35
C CYS A 45 -5.00 -13.64 -0.37
N CYS A 46 -6.16 -14.26 -0.41
CA CYS A 46 -7.28 -13.83 0.43
C CYS A 46 -7.83 -14.94 1.32
N SER A 47 -8.40 -14.52 2.44
CA SER A 47 -9.17 -15.43 3.30
C SER A 47 -10.64 -15.25 2.94
N ASP A 48 -11.48 -14.88 3.90
CA ASP A 48 -12.83 -14.43 3.51
C ASP A 48 -12.75 -12.96 3.13
N VAL A 49 -11.60 -12.35 3.41
CA VAL A 49 -11.35 -10.94 3.18
C VAL A 49 -10.09 -10.75 2.34
N CYS A 50 -10.16 -9.90 1.31
CA CYS A 50 -8.99 -9.46 0.55
C CYS A 50 -8.53 -8.06 0.97
N TYR A 51 -7.22 -7.90 1.13
CA TYR A 51 -6.59 -6.61 1.44
C TYR A 51 -5.74 -6.22 0.24
N PHE A 52 -6.04 -5.06 -0.35
CA PHE A 52 -5.37 -4.70 -1.58
C PHE A 52 -5.37 -3.20 -1.81
N TRP A 53 -4.40 -2.77 -2.62
CA TRP A 53 -4.24 -1.39 -3.02
C TRP A 53 -4.11 -1.34 -4.54
N GLY A 54 -4.12 -0.15 -5.13
CA GLY A 54 -4.12 -0.04 -6.58
C GLY A 54 -3.48 1.28 -6.99
N ARG A 55 -2.96 1.32 -8.20
CA ARG A 55 -2.40 2.56 -8.76
C ARG A 55 -2.74 2.64 -10.24
N SER A 56 -2.55 3.83 -10.81
CA SER A 56 -2.87 4.12 -12.20
C SER A 56 -1.78 3.65 -13.16
N LYS A 57 -0.56 3.43 -12.67
CA LYS A 57 0.49 2.84 -13.48
C LYS A 57 0.92 1.51 -12.89
N GLU A 58 1.67 0.72 -13.64
CA GLU A 58 2.15 -0.58 -13.18
C GLU A 58 3.44 -0.46 -12.36
N THR A 59 4.11 0.67 -12.52
CA THR A 59 5.43 0.85 -11.95
C THR A 59 5.50 2.07 -11.02
N ILE A 60 6.59 2.13 -10.28
CA ILE A 60 6.88 3.22 -9.37
C ILE A 60 8.32 3.55 -9.65
N TYR A 61 8.59 4.80 -10.02
CA TYR A 61 9.91 5.21 -10.50
C TYR A 61 10.48 4.14 -11.48
N GLU A 62 9.66 3.75 -12.45
CA GLU A 62 10.04 2.76 -13.47
C GLU A 62 10.31 1.36 -12.92
N LYS A 63 10.13 1.17 -11.61
CA LYS A 63 10.25 -0.16 -11.04
C LYS A 63 8.86 -0.81 -11.00
N LYS A 64 8.71 -2.01 -11.56
CA LYS A 64 7.42 -2.70 -11.48
C LYS A 64 7.33 -3.45 -10.14
N ILE A 65 6.10 -3.61 -9.63
CA ILE A 65 5.90 -4.28 -8.34
C ILE A 65 5.54 -5.75 -8.49
N ASP A 66 6.36 -6.65 -7.97
CA ASP A 66 6.00 -8.07 -8.01
C ASP A 66 5.98 -8.73 -6.64
N LYS A 67 5.52 -9.99 -6.64
CA LYS A 67 5.32 -10.77 -5.43
C LYS A 67 6.58 -10.79 -4.60
N GLY A 68 6.43 -10.76 -3.29
CA GLY A 68 7.58 -10.85 -2.42
C GLY A 68 8.05 -9.48 -1.96
N ASP A 69 7.73 -8.45 -2.74
CA ASP A 69 8.14 -7.08 -2.39
C ASP A 69 7.36 -6.52 -1.19
N VAL A 71 5.61 -3.00 0.86
CA VAL A 71 5.05 -1.66 0.79
C VAL A 71 4.87 -1.11 2.20
N LEU A 72 5.51 0.04 2.44
CA LEU A 72 5.29 0.83 3.64
C LEU A 72 4.26 1.87 3.30
N PHE A 73 3.11 1.81 3.96
CA PHE A 73 2.14 2.87 3.74
C PHE A 73 2.42 3.90 4.84
N TYR A 74 2.84 5.12 4.47
CA TYR A 74 2.94 6.22 5.42
C TYR A 74 1.58 6.90 5.55
N VAL A 75 1.09 7.11 6.77
CA VAL A 75 -0.20 7.81 6.89
C VAL A 75 -0.10 9.03 7.78
N GLY A 76 -0.49 10.20 7.27
CA GLY A 76 -0.49 11.43 8.07
C GLY A 76 -1.02 12.63 7.28
N LYS A 77 -1.07 13.80 7.92
CA LYS A 77 -1.49 15.02 7.25
C LYS A 77 -0.34 15.56 6.42
N ARG A 78 -0.54 15.53 5.11
CA ARG A 78 0.39 16.05 4.11
C ARG A 78 0.49 17.58 4.20
N ILE A 79 1.72 18.08 4.07
CA ILE A 79 2.01 19.53 4.12
C ILE A 79 2.47 20.10 2.77
N SER A 80 3.42 19.43 2.13
CA SER A 80 3.85 19.78 0.78
C SER A 80 3.78 18.51 -0.04
N ARG A 81 4.16 18.57 -1.32
CA ARG A 81 4.02 17.42 -2.22
C ARG A 81 4.57 16.12 -1.59
N ASN A 82 5.78 16.16 -1.02
CA ASN A 82 6.32 14.99 -0.35
C ASN A 82 6.79 15.28 1.09
N LYS A 83 5.98 16.00 1.87
CA LYS A 83 6.27 16.17 3.30
C LYS A 83 5.01 16.04 4.14
N VAL A 84 5.18 15.47 5.33
CA VAL A 84 4.05 15.27 6.21
C VAL A 84 4.15 16.26 7.37
N ASP A 85 3.00 16.63 7.94
CA ASP A 85 2.97 17.37 9.20
C ASP A 85 3.31 16.46 10.37
N LEU A 86 4.49 16.68 10.98
CA LEU A 86 4.91 15.89 12.14
C LEU A 86 4.25 16.31 13.45
N ASN A 87 3.35 17.28 13.40
CA ASN A 87 2.67 17.75 14.60
C ASN A 87 1.37 16.99 14.86
N GLN A 88 0.81 16.40 13.80
CA GLN A 88 -0.39 15.59 13.99
C GLN A 88 0.02 14.11 13.96
N GLU A 89 -0.90 13.21 14.30
CA GLU A 89 -0.60 11.78 14.38
C GLU A 89 -0.13 11.20 13.06
N THR A 90 0.83 10.29 13.10
CA THR A 90 1.21 9.56 11.90
C THR A 90 1.25 8.06 12.13
N ALA A 91 1.21 7.31 11.04
CA ALA A 91 1.22 5.85 11.10
C ALA A 91 1.98 5.22 9.94
N VAL A 92 2.60 4.08 10.19
CA VAL A 92 3.23 3.31 9.13
C VAL A 92 2.72 1.88 9.17
N TYR A 93 2.28 1.39 8.01
CA TYR A 93 1.85 0.00 7.86
C TYR A 93 2.76 -0.73 6.88
N LEU A 94 3.02 -2.02 7.13
CA LEU A 94 3.86 -2.82 6.25
C LEU A 94 3.10 -4.02 5.70
N GLY A 95 3.04 -4.08 4.38
CA GLY A 95 2.43 -5.20 3.70
C GLY A 95 3.44 -5.91 2.83
N ILE A 96 3.17 -7.19 2.58
CA ILE A 96 3.99 -8.00 1.71
C ILE A 96 3.16 -8.42 0.52
N ILE A 97 3.61 -8.03 -0.67
CA ILE A 97 2.86 -8.29 -1.88
C ILE A 97 2.69 -9.80 -2.12
N CYS A 98 1.44 -10.22 -2.28
CA CYS A 98 1.16 -11.61 -2.65
C CYS A 98 1.14 -11.75 -4.17
N GLU A 99 0.21 -11.07 -4.80
CA GLU A 99 0.12 -11.07 -6.25
C GLU A 99 -0.28 -9.69 -6.76
N THR A 100 0.12 -9.36 -8.00
CA THR A 100 -0.35 -8.15 -8.68
C THR A 100 -1.24 -8.55 -9.84
N VAL A 101 -2.32 -7.80 -10.05
CA VAL A 101 -3.18 -8.06 -11.20
C VAL A 101 -3.59 -6.75 -11.82
N GLU A 102 -3.54 -6.72 -13.15
CA GLU A 102 -4.02 -5.61 -13.95
C GLU A 102 -5.46 -5.86 -14.40
N ILE A 103 -6.31 -4.85 -14.23
CA ILE A 103 -7.69 -4.92 -14.72
C ILE A 103 -7.77 -4.16 -16.05
N SER A 104 -8.43 -4.76 -17.05
CA SER A 104 -8.58 -4.12 -18.37
C SER A 104 -9.45 -2.89 -18.24
N GLU A 105 -9.19 -1.90 -19.09
CA GLU A 105 -9.90 -0.64 -19.00
C GLU A 105 -11.40 -0.76 -19.33
N ASN A 106 -11.80 -1.79 -20.07
CA ASN A 106 -13.23 -2.01 -20.30
C ASN A 106 -13.85 -2.88 -19.22
N ASP A 107 -13.13 -3.04 -18.11
CA ASP A 107 -13.57 -3.86 -16.98
C ASP A 107 -13.45 -3.18 -15.61
N VAL A 108 -13.01 -1.92 -15.60
CA VAL A 108 -12.75 -1.21 -14.34
C VAL A 108 -14.00 -0.75 -13.62
N SER A 109 -15.17 -1.09 -14.14
CA SER A 109 -16.43 -0.68 -13.52
C SER A 109 -16.51 -1.03 -12.02
N PHE A 110 -16.20 -2.27 -11.67
CA PHE A 110 -16.42 -2.76 -10.31
C PHE A 110 -15.56 -2.07 -9.26
N LEU A 111 -14.47 -1.43 -9.68
CA LEU A 111 -13.54 -0.78 -8.77
C LEU A 111 -14.16 0.44 -8.10
N ASN A 112 -15.26 0.94 -8.64
CA ASN A 112 -15.91 2.12 -8.10
C ASN A 112 -16.85 1.73 -6.98
N ASP A 113 -17.06 0.43 -6.83
CA ASP A 113 -17.90 -0.14 -5.76
C ASP A 113 -17.36 0.16 -4.36
N PHE A 114 -16.06 0.36 -4.26
CA PHE A 114 -15.42 0.54 -2.96
C PHE A 114 -14.32 1.58 -2.98
N TRP A 115 -14.10 2.18 -4.15
CA TRP A 115 -13.09 3.23 -4.26
C TRP A 115 -13.65 4.50 -4.89
N ARG A 116 -13.29 5.65 -4.32
CA ARG A 116 -13.58 6.93 -4.97
C ARG A 116 -12.62 7.09 -6.15
N LYS A 117 -13.18 7.28 -7.35
CA LYS A 117 -12.45 7.28 -8.62
C LYS A 117 -11.65 5.98 -8.86
N GLY A 118 -12.15 4.87 -8.33
CA GLY A 118 -11.43 3.61 -8.39
C GLY A 118 -11.02 3.12 -9.77
N GLU A 119 -11.80 3.49 -10.79
CA GLU A 119 -11.55 2.98 -12.14
C GLU A 119 -10.20 3.48 -12.66
N ASN A 120 -9.70 4.54 -12.05
CA ASN A 120 -8.42 5.08 -12.45
C ASN A 120 -7.24 4.25 -11.98
N PHE A 121 -7.48 3.28 -11.10
CA PHE A 121 -6.39 2.61 -10.39
C PHE A 121 -6.42 1.11 -10.65
N ARG A 122 -6.38 0.75 -11.93
CA ARG A 122 -6.63 -0.62 -12.38
C ARG A 122 -5.43 -1.55 -12.25
N PHE A 123 -4.32 -1.04 -11.73
CA PHE A 123 -3.17 -1.89 -11.44
C PHE A 123 -3.19 -2.21 -9.94
N LEU A 124 -3.81 -3.34 -9.61
CA LEU A 124 -4.04 -3.72 -8.21
C LEU A 124 -2.83 -4.43 -7.59
N PHE A 126 -2.19 -7.18 -4.26
CA PHE A 126 -2.84 -7.93 -3.17
C PHE A 126 -1.82 -8.31 -2.15
N PHE A 127 -2.22 -8.23 -0.90
CA PHE A 127 -1.30 -8.44 0.21
C PHE A 127 -1.66 -9.70 0.96
N LYS A 128 -0.70 -10.61 1.05
CA LYS A 128 -0.89 -11.94 1.61
C LYS A 128 -1.73 -11.91 2.89
N LYS A 129 -1.32 -11.10 3.88
CA LYS A 129 -2.12 -10.84 5.07
C LYS A 129 -2.37 -9.34 5.23
N LYS A 130 -3.26 -8.98 6.15
CA LYS A 130 -3.58 -7.57 6.32
C LYS A 130 -2.34 -6.81 6.73
N PRO A 131 -1.95 -5.80 5.94
CA PRO A 131 -0.73 -5.02 6.19
C PRO A 131 -0.70 -4.58 7.64
N GLU A 132 0.45 -4.75 8.29
CA GLU A 132 0.56 -4.63 9.73
C GLU A 132 0.94 -3.24 10.20
N LYS A 133 0.11 -2.71 11.09
CA LYS A 133 0.36 -1.43 11.72
C LYS A 133 1.60 -1.50 12.58
N LEU A 134 2.66 -0.79 12.21
CA LEU A 134 3.87 -0.76 13.03
C LEU A 134 3.66 0.19 14.21
N HIS A 135 4.52 0.15 15.22
CA HIS A 135 4.34 1.09 16.31
C HIS A 135 5.26 2.31 16.12
N HIS A 136 6.06 2.27 15.06
CA HIS A 136 6.95 3.39 14.70
C HIS A 136 6.17 4.53 14.03
N SER A 137 6.63 5.75 14.25
CA SER A 137 6.10 6.92 13.55
C SER A 137 6.77 7.03 12.20
N ILE A 138 6.29 7.94 11.36
CA ILE A 138 6.92 8.15 10.07
C ILE A 138 8.37 8.69 10.22
N ASN A 139 8.60 9.56 11.21
CA ASN A 139 9.98 10.06 11.40
C ASN A 139 10.91 8.96 11.87
N GLU A 140 10.40 8.05 12.70
CA GLU A 140 11.24 6.97 13.19
C GLU A 140 11.63 6.00 12.07
N ILE A 141 10.72 5.73 11.14
CA ILE A 141 11.03 4.89 9.98
C ILE A 141 11.89 5.64 8.96
N ASN A 142 11.53 6.89 8.68
CA ASN A 142 12.37 7.71 7.79
C ASN A 142 13.83 7.67 8.24
N SER A 143 14.05 7.93 9.53
CA SER A 143 15.40 7.95 10.09
C SER A 143 16.15 6.63 9.94
N LYS A 144 15.44 5.51 10.09
CA LYS A 144 16.08 4.22 9.91
C LYS A 144 16.52 4.01 8.47
N LEU A 145 15.80 4.62 7.53
CA LEU A 145 16.10 4.49 6.10
C LEU A 145 17.03 5.61 5.59
N GLY A 146 17.37 6.56 6.46
CA GLY A 146 18.26 7.64 6.11
C GLY A 146 17.58 8.81 5.42
N TYR A 147 16.25 8.85 5.47
CA TYR A 147 15.50 9.97 4.90
C TYR A 147 15.28 11.09 5.91
N ASN A 148 15.09 12.31 5.41
CA ASN A 148 14.59 13.42 6.24
C ASN A 148 13.40 12.98 7.11
N PRO A 149 13.32 13.48 8.35
CA PRO A 149 12.21 13.15 9.27
C PRO A 149 10.79 13.19 8.64
N ASP A 150 10.52 14.17 7.79
CA ASP A 150 9.16 14.32 7.30
C ASP A 150 8.99 13.88 5.86
N TYR A 151 9.96 13.15 5.31
CA TYR A 151 9.84 12.62 3.95
C TYR A 151 8.55 11.80 3.87
N PHE A 152 7.73 12.17 2.90
CA PHE A 152 6.38 11.66 2.74
C PHE A 152 6.07 11.51 1.26
N PRO A 153 6.76 10.57 0.57
CA PRO A 153 6.52 10.40 -0.87
C PRO A 153 5.11 9.93 -1.17
N ILE A 154 4.57 10.47 -2.25
CA ILE A 154 3.28 10.00 -2.75
C ILE A 154 3.44 8.55 -3.22
N ALA A 155 4.52 8.28 -3.94
CA ALA A 155 4.92 6.91 -4.27
C ALA A 155 6.43 6.87 -4.49
N GLY A 156 7.14 6.22 -3.59
CA GLY A 156 8.59 6.21 -3.66
C GLY A 156 9.18 4.83 -3.75
N TYR A 157 10.33 4.73 -4.40
CA TYR A 157 11.14 3.53 -4.38
C TYR A 157 12.30 3.74 -3.42
N VAL A 158 12.57 2.75 -2.57
CA VAL A 158 13.63 2.87 -1.60
C VAL A 158 14.88 2.17 -2.09
N LYS A 159 15.88 2.98 -2.41
CA LYS A 159 17.18 2.49 -2.84
C LYS A 159 17.66 1.40 -1.89
N PRO A 160 17.95 0.21 -2.43
CA PRO A 160 18.22 -1.02 -1.68
C PRO A 160 19.22 -0.86 -0.55
N GLU A 161 20.21 0.02 -0.76
CA GLU A 161 21.24 0.30 0.24
C GLU A 161 20.67 0.94 1.51
N ARG A 162 19.46 1.48 1.40
CA ARG A 162 18.76 1.98 2.59
C ARG A 162 18.02 0.86 3.31
N SER A 164 18.66 -2.05 4.57
CA SER A 164 19.21 -2.77 5.72
C SER A 164 18.89 -2.09 7.06
N GLY A 165 18.56 -0.79 7.02
CA GLY A 165 18.25 -0.05 8.23
C GLY A 165 16.93 -0.45 8.87
N VAL A 166 16.06 -1.06 8.07
CA VAL A 166 14.81 -1.62 8.58
C VAL A 166 14.77 -3.15 8.48
N TYR A 167 15.95 -3.78 8.51
CA TYR A 167 16.01 -5.24 8.43
C TYR A 167 15.51 -5.89 9.72
N ASP A 168 15.84 -5.28 10.85
CA ASP A 168 15.38 -5.74 12.16
C ASP A 168 13.86 -5.94 12.16
N ILE A 169 13.14 -4.95 11.66
CA ILE A 169 11.70 -4.91 11.77
C ILE A 169 11.04 -6.00 10.93
N LEU A 170 11.41 -6.05 9.64
CA LEU A 170 10.92 -7.09 8.73
C LEU A 170 11.26 -8.51 9.22
N LYS A 171 12.45 -8.69 9.78
CA LYS A 171 12.83 -9.98 10.33
C LYS A 171 11.88 -10.32 11.46
N ASN A 172 11.75 -9.40 12.42
CA ASN A 172 10.91 -9.65 13.58
C ASN A 172 9.46 -9.96 13.18
N ILE A 173 9.05 -9.45 12.03
CA ILE A 173 7.68 -9.66 11.56
C ILE A 173 7.47 -11.10 11.09
N LEU A 174 8.48 -11.69 10.46
CA LEU A 174 8.40 -13.08 10.04
C LEU A 174 8.62 -13.97 11.27
N LYS A 175 7.52 -14.56 11.76
CA LYS A 175 7.45 -15.20 13.07
C LYS A 175 7.71 -14.15 14.17
#